data_7W67
#
_entry.id   7W67
#
_cell.length_a   76.150
_cell.length_b   44.571
_cell.length_c   121.333
_cell.angle_alpha   90.000
_cell.angle_beta   108.920
_cell.angle_gamma   90.000
#
_symmetry.space_group_name_H-M   'C 1 2 1'
#
loop_
_entity.id
_entity.type
_entity.pdbx_description
1 polymer 'Set1/Ash2 histone methyltransferase complex subunit ASH2'
2 polymer 'Histone-lysine N-methyltransferase 2A'
3 polymer 'Retinoblastoma-binding protein 5'
4 polymer 'Histone H3.3C'
5 non-polymer S-ADENOSYL-L-HOMOCYSTEINE
6 non-polymer 'ZINC ION'
7 water water
#
loop_
_entity_poly.entity_id
_entity_poly.type
_entity_poly.pdbx_seq_one_letter_code
_entity_poly.pdbx_strand_id
1 'polypeptide(L)'
;SRVLLALHDRAPQLKISDDRLTVVGEKGYSMVRASHGVRKGAWYFEITVDEMPPDTAARLGWSQPLGNLQAPLGYDKFSY
SWRSKKGTKFHQSIGKHYSSGYGQGDVLGFYINLPEDTISGRGSSEIIFYKNGVNQGVAYKDIFEGVYFPAISLYKSCTV
SINFGPCFKYPPKDLTYRPMSDMG
;
A
2 'polypeptide(L)'
;DLPMPMRFRHLKKTSKEAVGVYRSPIHGRGLFCKRNIDAGEMVIEYAGIVIRSILTDKREKYYDSKGIGSSYMFRIDDSE
VVDATMHGNAARFINHSCEPNCYSRVINIDGQKHIVIFAMRKIYRGEELTYDYKFPIEDASNKLPCNCGAKKCRKFLN
;
C
3 'polypeptide(L)' SAFAPDFKELDENVEYEERESEFDIED F
4 'polypeptide(L)' ARTKQTARK M
#
loop_
_chem_comp.id
_chem_comp.type
_chem_comp.name
_chem_comp.formula
ZN non-polymer 'ZINC ION' 'Zn 2'
#
# COMPACT_ATOMS: atom_id res chain seq x y z
N ARG A 2 -19.07 -4.41 -3.84
CA ARG A 2 -18.74 -4.87 -5.18
C ARG A 2 -17.39 -4.29 -5.62
N VAL A 3 -16.70 -4.94 -6.55
CA VAL A 3 -15.51 -4.35 -7.15
C VAL A 3 -15.93 -3.27 -8.14
N LEU A 4 -15.31 -2.09 -8.04
CA LEU A 4 -15.60 -0.97 -8.92
C LEU A 4 -14.32 -0.21 -9.26
N LEU A 5 -14.41 0.69 -10.24
CA LEU A 5 -13.33 1.66 -10.44
C LEU A 5 -13.15 2.48 -9.17
N ALA A 6 -11.89 2.79 -8.84
CA ALA A 6 -11.61 3.35 -7.53
C ALA A 6 -12.21 4.73 -7.40
N LEU A 7 -12.61 5.06 -6.16
CA LEU A 7 -13.20 6.37 -5.86
C LEU A 7 -12.16 7.48 -5.83
N HIS A 8 -11.02 7.24 -5.18
CA HIS A 8 -9.97 8.24 -5.05
C HIS A 8 -8.70 7.89 -5.81
N ASP A 9 -8.42 6.59 -5.99
CA ASP A 9 -7.19 6.13 -6.63
C ASP A 9 -7.31 6.27 -8.16
N ARG A 10 -7.41 7.51 -8.59
CA ARG A 10 -7.73 7.80 -9.99
C ARG A 10 -7.20 9.17 -10.37
N ALA A 11 -6.79 9.31 -11.62
CA ALA A 11 -6.44 10.62 -12.13
C ALA A 11 -7.70 11.49 -12.16
N PRO A 12 -7.65 12.69 -11.59
CA PRO A 12 -8.87 13.52 -11.46
C PRO A 12 -9.53 13.90 -12.78
N GLN A 13 -8.77 14.03 -13.88
CA GLN A 13 -9.34 14.45 -15.15
C GLN A 13 -10.13 13.36 -15.87
N LEU A 14 -10.05 12.11 -15.42
CA LEU A 14 -10.88 11.06 -16.01
C LEU A 14 -12.34 11.26 -15.60
N LYS A 15 -13.24 11.10 -16.58
CA LYS A 15 -14.68 11.28 -16.39
C LYS A 15 -15.32 9.92 -16.15
N ILE A 16 -15.55 9.59 -14.88
CA ILE A 16 -16.04 8.28 -14.49
C ILE A 16 -17.53 8.38 -14.23
N SER A 17 -18.28 7.40 -14.74
CA SER A 17 -19.72 7.38 -14.59
C SER A 17 -20.10 7.12 -13.13
N ASP A 18 -21.35 7.48 -12.79
CA ASP A 18 -21.88 7.27 -11.44
C ASP A 18 -21.75 5.81 -11.02
N ASP A 19 -22.05 4.89 -11.94
CA ASP A 19 -21.97 3.46 -11.62
C ASP A 19 -20.54 2.98 -11.44
N ARG A 20 -19.54 3.77 -11.85
CA ARG A 20 -18.12 3.48 -11.62
C ARG A 20 -17.63 2.25 -12.39
N LEU A 21 -18.28 1.94 -13.53
CA LEU A 21 -17.78 0.98 -14.48
C LEU A 21 -17.45 1.57 -15.84
N THR A 22 -17.81 2.82 -16.12
CA THR A 22 -17.48 3.44 -17.39
C THR A 22 -16.58 4.65 -17.16
N VAL A 23 -15.62 4.85 -18.04
CA VAL A 23 -14.66 5.94 -17.91
C VAL A 23 -14.35 6.49 -19.30
N VAL A 24 -14.32 7.82 -19.40
CA VAL A 24 -13.96 8.56 -20.62
C VAL A 24 -12.63 9.29 -20.37
N GLY A 25 -11.71 9.20 -21.33
CA GLY A 25 -10.44 9.86 -21.17
C GLY A 25 -10.50 11.37 -21.41
N GLU A 26 -9.38 12.04 -21.14
CA GLU A 26 -9.29 13.49 -21.27
C GLU A 26 -7.84 13.90 -21.47
N LYS A 27 -7.52 14.38 -22.67
CA LYS A 27 -6.19 14.92 -23.02
C LYS A 27 -5.16 13.80 -22.85
N GLY A 28 -3.94 14.10 -22.41
CA GLY A 28 -2.89 13.10 -22.34
C GLY A 28 -3.23 11.96 -21.40
N TYR A 29 -2.52 10.85 -21.62
CA TYR A 29 -2.71 9.61 -20.87
C TYR A 29 -2.77 9.84 -19.36
N SER A 30 -3.85 9.34 -18.77
CA SER A 30 -3.99 9.29 -17.32
C SER A 30 -4.73 8.01 -16.99
N MET A 31 -4.71 7.63 -15.71
CA MET A 31 -5.01 6.24 -15.33
C MET A 31 -5.96 6.18 -14.14
N VAL A 32 -6.72 5.08 -14.07
CA VAL A 32 -7.57 4.75 -12.93
C VAL A 32 -7.42 3.26 -12.61
N ARG A 33 -7.26 2.93 -11.33
CA ARG A 33 -7.23 1.54 -10.89
C ARG A 33 -8.58 1.12 -10.32
N ALA A 34 -8.83 -0.19 -10.33
CA ALA A 34 -10.00 -0.75 -9.66
C ALA A 34 -9.86 -0.65 -8.15
N SER A 35 -10.97 -0.89 -7.45
CA SER A 35 -10.98 -0.82 -5.98
C SER A 35 -10.32 -2.01 -5.31
N HIS A 36 -10.09 -3.13 -6.01
CA HIS A 36 -9.53 -4.33 -5.41
C HIS A 36 -8.40 -4.87 -6.26
N GLY A 37 -7.35 -5.38 -5.60
CA GLY A 37 -6.24 -6.00 -6.26
C GLY A 37 -5.97 -7.38 -5.70
N VAL A 38 -5.11 -8.13 -6.40
CA VAL A 38 -4.88 -9.54 -6.09
C VAL A 38 -3.38 -9.79 -5.95
N ARG A 39 -3.03 -10.67 -5.02
CA ARG A 39 -1.65 -11.05 -4.75
C ARG A 39 -1.32 -12.46 -5.17
N LYS A 40 -2.30 -13.34 -5.27
CA LYS A 40 -2.03 -14.73 -5.54
C LYS A 40 -3.24 -15.36 -6.23
N GLY A 41 -2.97 -16.38 -7.04
CA GLY A 41 -4.01 -17.01 -7.84
C GLY A 41 -4.08 -16.46 -9.24
N ALA A 42 -5.08 -16.97 -9.96
CA ALA A 42 -5.38 -16.59 -11.34
C ALA A 42 -6.69 -15.82 -11.36
N TRP A 43 -6.69 -14.65 -12.00
CA TRP A 43 -7.83 -13.74 -11.96
C TRP A 43 -8.10 -13.15 -13.34
N TYR A 44 -9.32 -12.67 -13.55
CA TYR A 44 -9.76 -12.29 -14.88
C TYR A 44 -10.76 -11.14 -14.83
N PHE A 45 -10.72 -10.27 -15.84
CA PHE A 45 -11.73 -9.25 -16.00
C PHE A 45 -11.77 -8.84 -17.47
N GLU A 46 -12.82 -8.11 -17.83
CA GLU A 46 -13.02 -7.68 -19.21
C GLU A 46 -13.17 -6.16 -19.29
N ILE A 47 -12.79 -5.61 -20.44
CA ILE A 47 -12.97 -4.20 -20.76
C ILE A 47 -13.51 -4.13 -22.18
N THR A 48 -14.64 -3.44 -22.36
CA THR A 48 -15.26 -3.21 -23.64
C THR A 48 -14.94 -1.79 -24.12
N VAL A 49 -14.49 -1.66 -25.35
CA VAL A 49 -14.22 -0.33 -25.92
C VAL A 49 -15.54 0.18 -26.50
N ASP A 50 -16.24 1.03 -25.75
CA ASP A 50 -17.55 1.51 -26.21
C ASP A 50 -17.41 2.47 -27.37
N GLU A 51 -16.40 3.32 -27.33
CA GLU A 51 -16.30 4.38 -28.32
C GLU A 51 -14.84 4.79 -28.39
N MET A 52 -14.28 4.81 -29.59
CA MET A 52 -12.88 5.18 -29.81
C MET A 52 -12.80 6.13 -31.00
N PRO A 53 -13.04 7.41 -30.77
CA PRO A 53 -13.02 8.40 -31.86
C PRO A 53 -11.64 8.51 -32.50
N PRO A 54 -11.52 9.22 -33.62
CA PRO A 54 -10.21 9.39 -34.23
C PRO A 54 -9.21 10.02 -33.26
N ASP A 55 -7.96 9.56 -33.34
CA ASP A 55 -6.86 10.07 -32.53
C ASP A 55 -7.07 9.82 -31.03
N THR A 56 -7.73 8.74 -30.65
CA THR A 56 -7.82 8.36 -29.25
C THR A 56 -7.27 6.95 -29.09
N ALA A 57 -6.88 6.60 -27.86
CA ALA A 57 -6.20 5.33 -27.65
C ALA A 57 -6.34 4.92 -26.19
N ALA A 58 -6.00 3.66 -25.91
CA ALA A 58 -6.14 3.11 -24.57
C ALA A 58 -4.99 2.15 -24.30
N ARG A 59 -4.51 2.15 -23.05
CA ARG A 59 -3.52 1.17 -22.63
C ARG A 59 -4.07 0.54 -21.37
N LEU A 60 -4.33 -0.77 -21.46
CA LEU A 60 -5.14 -1.51 -20.51
C LEU A 60 -4.34 -2.68 -19.97
N GLY A 61 -4.59 -3.03 -18.70
CA GLY A 61 -3.84 -4.09 -18.05
C GLY A 61 -3.89 -4.08 -16.53
N TRP A 62 -2.73 -4.25 -15.89
CA TRP A 62 -2.64 -4.44 -14.45
C TRP A 62 -1.60 -3.51 -13.87
N SER A 63 -1.87 -2.98 -12.67
CA SER A 63 -0.98 -2.03 -12.01
C SER A 63 -0.81 -2.33 -10.52
N GLN A 64 0.42 -2.22 -10.05
CA GLN A 64 0.66 -2.15 -8.62
C GLN A 64 0.22 -0.78 -8.11
N PRO A 65 0.04 -0.65 -6.79
CA PRO A 65 -0.43 0.64 -6.24
C PRO A 65 0.46 1.85 -6.54
N LEU A 66 1.74 1.68 -6.87
CA LEU A 66 2.57 2.86 -7.12
C LEU A 66 2.65 3.25 -8.60
N GLY A 67 1.91 2.59 -9.48
CA GLY A 67 1.92 2.99 -10.88
C GLY A 67 1.45 4.43 -11.04
N ASN A 68 2.16 5.20 -11.86
CA ASN A 68 1.88 6.64 -11.93
C ASN A 68 0.54 6.91 -12.61
N LEU A 69 -0.35 7.59 -11.88
CA LEU A 69 -1.69 7.88 -12.38
C LEU A 69 -1.71 8.92 -13.49
N GLN A 70 -0.68 9.77 -13.60
CA GLN A 70 -0.62 10.80 -14.63
C GLN A 70 0.26 10.39 -15.80
N ALA A 71 0.35 9.10 -16.06
CA ALA A 71 1.14 8.55 -17.15
C ALA A 71 0.38 7.35 -17.70
N PRO A 72 0.72 6.89 -18.91
CA PRO A 72 0.05 5.69 -19.44
C PRO A 72 0.35 4.46 -18.58
N LEU A 73 -0.57 3.51 -18.60
CA LEU A 73 -0.26 2.21 -18.05
C LEU A 73 0.92 1.59 -18.80
N GLY A 74 1.83 0.97 -18.05
CA GLY A 74 3.07 0.49 -18.62
C GLY A 74 4.22 1.48 -18.57
N TYR A 75 3.98 2.69 -18.05
CA TYR A 75 5.00 3.74 -18.05
C TYR A 75 6.23 3.36 -17.22
N ASP A 76 6.00 2.78 -16.05
CA ASP A 76 7.06 2.51 -15.07
C ASP A 76 7.14 1.00 -14.79
N LYS A 77 7.89 0.65 -13.75
CA LYS A 77 8.06 -0.74 -13.37
C LYS A 77 6.82 -1.32 -12.70
N PHE A 78 5.82 -0.51 -12.40
CA PHE A 78 4.70 -0.96 -11.59
C PHE A 78 3.52 -1.46 -12.41
N SER A 79 3.57 -1.41 -13.74
CA SER A 79 2.42 -1.90 -14.50
C SER A 79 2.82 -2.47 -15.85
N TYR A 80 1.87 -3.21 -16.43
CA TYR A 80 1.99 -3.87 -17.73
C TYR A 80 0.71 -3.60 -18.49
N SER A 81 0.83 -3.26 -19.77
CA SER A 81 -0.31 -2.73 -20.50
C SER A 81 -0.32 -3.21 -21.94
N TRP A 82 -1.49 -3.07 -22.56
CA TRP A 82 -1.77 -3.51 -23.92
C TRP A 82 -2.41 -2.34 -24.65
N ARG A 83 -1.76 -1.85 -25.71
CA ARG A 83 -2.18 -0.61 -26.38
C ARG A 83 -3.15 -0.90 -27.53
N SER A 84 -4.28 -0.19 -27.55
CA SER A 84 -5.25 -0.33 -28.64
C SER A 84 -4.58 -0.17 -30.01
N LYS A 85 -3.80 0.88 -30.16
CA LYS A 85 -3.05 1.13 -31.40
C LYS A 85 -1.97 0.06 -31.56
N LYS A 86 -2.07 -0.74 -32.61
CA LYS A 86 -1.10 -1.74 -33.06
C LYS A 86 -0.93 -2.91 -32.10
N GLY A 87 -1.64 -2.96 -30.98
CA GLY A 87 -1.54 -4.11 -30.09
C GLY A 87 -0.20 -4.24 -29.38
N THR A 88 0.56 -3.14 -29.29
CA THR A 88 1.82 -3.12 -28.58
C THR A 88 1.61 -3.36 -27.09
N LYS A 89 2.54 -4.07 -26.46
CA LYS A 89 2.58 -4.24 -25.02
C LYS A 89 3.68 -3.33 -24.46
N PHE A 90 3.41 -2.72 -23.30
CA PHE A 90 4.31 -1.73 -22.70
C PHE A 90 4.60 -2.08 -21.24
N HIS A 91 5.85 -1.86 -20.86
CA HIS A 91 6.31 -2.03 -19.49
C HIS A 91 7.56 -1.18 -19.32
N GLN A 92 7.61 -0.37 -18.27
CA GLN A 92 8.70 0.61 -18.09
C GLN A 92 8.90 1.45 -19.35
N SER A 93 7.80 1.82 -20.00
CA SER A 93 7.79 2.69 -21.17
C SER A 93 8.44 2.06 -22.40
N ILE A 94 8.71 0.76 -22.40
CA ILE A 94 9.22 0.06 -23.57
C ILE A 94 8.07 -0.70 -24.23
N GLY A 95 7.76 -0.35 -25.47
CA GLY A 95 6.72 -1.02 -26.23
C GLY A 95 7.35 -2.10 -27.13
N LYS A 96 6.80 -3.30 -27.05
CA LYS A 96 7.28 -4.42 -27.85
C LYS A 96 6.14 -5.04 -28.65
N HIS A 97 6.51 -5.69 -29.76
CA HIS A 97 5.54 -6.38 -30.59
C HIS A 97 4.77 -7.41 -29.77
N TYR A 98 3.46 -7.51 -30.02
CA TYR A 98 2.65 -8.45 -29.26
C TYR A 98 1.49 -8.97 -30.11
N SER A 99 0.47 -8.15 -30.33
CA SER A 99 -0.65 -8.62 -31.14
C SER A 99 -1.02 -7.63 -32.25
N SER A 100 -2.18 -7.83 -32.85
CA SER A 100 -2.81 -6.85 -33.70
C SER A 100 -3.62 -5.87 -32.85
N GLY A 101 -3.94 -4.72 -33.41
CA GLY A 101 -4.63 -3.68 -32.65
C GLY A 101 -6.02 -4.11 -32.18
N TYR A 102 -6.63 -3.27 -31.36
CA TYR A 102 -8.04 -3.45 -31.01
C TYR A 102 -8.72 -2.10 -30.98
N GLY A 103 -10.04 -2.11 -31.13
CA GLY A 103 -10.75 -0.87 -31.29
C GLY A 103 -12.20 -0.92 -30.87
N GLN A 104 -12.99 -0.02 -31.45
CA GLN A 104 -14.36 0.20 -31.00
C GLN A 104 -15.18 -1.07 -31.14
N GLY A 105 -15.82 -1.46 -30.05
CA GLY A 105 -16.63 -2.65 -30.01
C GLY A 105 -15.92 -3.91 -29.56
N ASP A 106 -14.60 -3.93 -29.51
CA ASP A 106 -13.89 -5.10 -29.04
C ASP A 106 -14.06 -5.28 -27.52
N VAL A 107 -14.11 -6.53 -27.09
CA VAL A 107 -14.19 -6.90 -25.69
C VAL A 107 -12.87 -7.56 -25.34
N LEU A 108 -12.05 -6.86 -24.56
CA LEU A 108 -10.70 -7.31 -24.24
C LEU A 108 -10.71 -8.05 -22.90
N GLY A 109 -9.91 -9.10 -22.80
CA GLY A 109 -9.82 -9.92 -21.59
C GLY A 109 -8.46 -9.79 -20.95
N PHE A 110 -8.42 -9.86 -19.63
CA PHE A 110 -7.19 -9.63 -18.87
C PHE A 110 -7.02 -10.72 -17.83
N TYR A 111 -6.03 -11.58 -18.04
CA TYR A 111 -5.69 -12.69 -17.16
C TYR A 111 -4.36 -12.41 -16.47
N ILE A 112 -4.30 -12.69 -15.18
CA ILE A 112 -3.03 -12.71 -14.46
C ILE A 112 -2.99 -13.94 -13.57
N ASN A 113 -1.81 -14.53 -13.43
CA ASN A 113 -1.60 -15.67 -12.55
C ASN A 113 -0.43 -15.39 -11.65
N LEU A 114 -0.67 -15.39 -10.32
CA LEU A 114 0.37 -15.15 -9.31
C LEU A 114 0.43 -16.35 -8.39
N PRO A 115 1.24 -17.37 -8.69
CA PRO A 115 1.22 -18.59 -7.88
C PRO A 115 1.94 -18.40 -6.54
N GLU A 116 1.49 -19.15 -5.54
CA GLU A 116 1.97 -18.97 -4.17
C GLU A 116 3.43 -19.40 -4.00
N SER A 124 6.94 -18.38 -13.22
CA SER A 124 5.65 -19.02 -13.43
C SER A 124 4.50 -18.01 -13.36
N SER A 125 4.75 -16.82 -12.79
CA SER A 125 3.75 -15.76 -12.89
C SER A 125 3.59 -15.30 -14.33
N GLU A 126 2.37 -14.89 -14.69
CA GLU A 126 2.01 -14.70 -16.09
C GLU A 126 0.93 -13.64 -16.26
N ILE A 127 1.00 -12.93 -17.38
CA ILE A 127 -0.05 -12.01 -17.81
C ILE A 127 -0.39 -12.38 -19.24
N ILE A 128 -1.67 -12.60 -19.49
CA ILE A 128 -2.16 -12.97 -20.83
C ILE A 128 -3.33 -12.07 -21.18
N PHE A 129 -3.38 -11.61 -22.44
CA PHE A 129 -4.45 -10.75 -22.93
C PHE A 129 -5.31 -11.51 -23.94
N TYR A 130 -6.59 -11.15 -24.00
CA TYR A 130 -7.55 -11.82 -24.87
C TYR A 130 -8.31 -10.79 -25.69
N LYS A 131 -8.62 -11.14 -26.93
CA LYS A 131 -9.42 -10.29 -27.81
C LYS A 131 -10.65 -11.08 -28.24
N ASN A 132 -11.82 -10.63 -27.78
CA ASN A 132 -13.09 -11.31 -28.05
C ASN A 132 -12.96 -12.81 -27.80
N GLY A 133 -12.38 -13.14 -26.64
CA GLY A 133 -12.26 -14.50 -26.15
C GLY A 133 -11.05 -15.28 -26.61
N VAL A 134 -10.23 -14.71 -27.49
CA VAL A 134 -9.13 -15.43 -28.12
C VAL A 134 -7.81 -15.03 -27.48
N ASN A 135 -7.07 -16.04 -27.01
CA ASN A 135 -5.76 -15.86 -26.40
C ASN A 135 -4.82 -15.17 -27.37
N GLN A 136 -4.30 -14.00 -26.99
CA GLN A 136 -3.38 -13.28 -27.84
C GLN A 136 -1.93 -13.63 -27.58
N GLY A 137 -1.66 -14.53 -26.65
CA GLY A 137 -0.31 -14.94 -26.32
C GLY A 137 0.12 -14.43 -24.96
N VAL A 138 1.12 -15.09 -24.39
CA VAL A 138 1.69 -14.60 -23.13
C VAL A 138 2.39 -13.29 -23.40
N ALA A 139 2.03 -12.25 -22.64
CA ALA A 139 2.66 -10.95 -22.82
C ALA A 139 3.86 -10.76 -21.90
N TYR A 140 3.71 -11.09 -20.61
CA TYR A 140 4.80 -10.99 -19.67
C TYR A 140 4.79 -12.22 -18.76
N LYS A 141 5.98 -12.68 -18.37
CA LYS A 141 6.13 -13.76 -17.41
C LYS A 141 7.20 -13.37 -16.40
N ASP A 142 7.11 -13.97 -15.21
CA ASP A 142 7.99 -13.67 -14.09
C ASP A 142 7.96 -12.18 -13.74
N ILE A 143 6.76 -11.68 -13.45
CA ILE A 143 6.55 -10.24 -13.21
C ILE A 143 6.97 -9.88 -11.79
N PHE A 144 7.01 -8.59 -11.48
CA PHE A 144 7.37 -8.18 -10.13
C PHE A 144 6.33 -8.69 -9.14
N GLU A 145 6.78 -9.01 -7.93
CA GLU A 145 5.89 -9.47 -6.89
C GLU A 145 5.18 -8.28 -6.23
N GLY A 146 3.90 -8.45 -5.93
CA GLY A 146 3.14 -7.42 -5.27
C GLY A 146 1.66 -7.59 -5.56
N VAL A 147 0.91 -6.54 -5.21
CA VAL A 147 -0.53 -6.51 -5.41
C VAL A 147 -0.82 -5.88 -6.76
N TYR A 148 -1.65 -6.54 -7.57
CA TYR A 148 -1.97 -6.06 -8.90
C TYR A 148 -3.45 -5.73 -9.01
N PHE A 149 -3.74 -4.52 -9.47
CA PHE A 149 -5.08 -4.00 -9.65
C PHE A 149 -5.44 -3.94 -11.13
N PRO A 150 -6.66 -4.32 -11.52
CA PRO A 150 -7.12 -3.99 -12.87
C PRO A 150 -6.96 -2.48 -13.07
N ALA A 151 -6.58 -2.09 -14.28
CA ALA A 151 -6.20 -0.69 -14.51
C ALA A 151 -6.48 -0.26 -15.95
N ILE A 152 -6.83 1.02 -16.08
CA ILE A 152 -7.25 1.62 -17.34
C ILE A 152 -6.49 2.93 -17.51
N SER A 153 -5.90 3.15 -18.67
CA SER A 153 -5.33 4.46 -18.98
C SER A 153 -5.83 4.87 -20.36
N LEU A 154 -6.23 6.13 -20.50
CA LEU A 154 -6.83 6.58 -21.75
C LEU A 154 -6.17 7.87 -22.25
N TYR A 155 -6.04 7.94 -23.58
CA TYR A 155 -5.50 9.09 -24.30
C TYR A 155 -6.65 9.73 -25.06
N LYS A 156 -6.99 10.96 -24.67
CA LYS A 156 -8.12 11.70 -25.21
C LYS A 156 -9.44 10.97 -25.00
N SER A 157 -10.49 11.39 -25.70
CA SER A 157 -11.87 11.14 -25.28
C SER A 157 -12.43 9.84 -25.85
N CYS A 158 -11.75 8.73 -25.60
CA CYS A 158 -12.37 7.43 -25.84
C CYS A 158 -13.04 6.95 -24.56
N THR A 159 -13.94 5.99 -24.74
CA THR A 159 -14.83 5.52 -23.67
C THR A 159 -14.72 4.01 -23.57
N VAL A 160 -14.43 3.51 -22.36
CA VAL A 160 -14.37 2.07 -22.13
C VAL A 160 -15.17 1.75 -20.88
N SER A 161 -15.58 0.49 -20.79
CA SER A 161 -16.39 -0.01 -19.68
C SER A 161 -15.79 -1.31 -19.19
N ILE A 162 -15.73 -1.47 -17.88
CA ILE A 162 -15.04 -2.60 -17.29
C ILE A 162 -16.07 -3.54 -16.65
N ASN A 163 -15.82 -4.84 -16.76
CA ASN A 163 -16.67 -5.87 -16.21
C ASN A 163 -15.78 -6.79 -15.39
N PHE A 164 -16.01 -6.81 -14.08
CA PHE A 164 -15.20 -7.62 -13.18
C PHE A 164 -15.75 -9.03 -13.00
N GLY A 165 -16.91 -9.35 -13.56
CA GLY A 165 -17.52 -10.66 -13.37
C GLY A 165 -18.81 -10.54 -12.57
N PRO A 166 -19.42 -11.67 -12.18
CA PRO A 166 -19.03 -13.08 -12.37
C PRO A 166 -19.10 -13.54 -13.81
N CYS A 167 -20.03 -12.98 -14.60
CA CYS A 167 -20.25 -13.44 -15.97
C CYS A 167 -19.55 -12.51 -16.96
N PHE A 168 -18.73 -13.12 -17.82
CA PHE A 168 -18.01 -12.41 -18.85
C PHE A 168 -18.68 -12.62 -20.21
N LYS A 169 -18.42 -11.69 -21.13
CA LYS A 169 -18.99 -11.80 -22.46
C LYS A 169 -18.36 -12.95 -23.22
N TYR A 170 -17.03 -13.04 -23.16
CA TYR A 170 -16.26 -14.08 -23.82
C TYR A 170 -15.35 -14.86 -22.87
N PRO A 171 -15.92 -15.70 -22.04
CA PRO A 171 -15.11 -16.51 -21.14
C PRO A 171 -14.19 -17.41 -21.92
N PRO A 172 -12.93 -17.44 -21.54
CA PRO A 172 -11.91 -18.06 -22.36
C PRO A 172 -12.06 -19.55 -22.34
N LYS A 173 -11.77 -20.22 -23.43
CA LYS A 173 -11.70 -21.67 -23.40
C LYS A 173 -10.50 -22.19 -22.64
N ASP A 174 -10.77 -23.19 -21.82
CA ASP A 174 -9.79 -23.94 -21.08
C ASP A 174 -8.75 -23.07 -20.39
N LEU A 175 -9.25 -22.28 -19.49
CA LEU A 175 -8.44 -21.41 -18.66
C LEU A 175 -9.09 -21.41 -17.31
N THR A 176 -8.29 -21.57 -16.27
CA THR A 176 -8.80 -21.61 -14.91
C THR A 176 -8.54 -20.27 -14.24
N TYR A 177 -9.59 -19.68 -13.68
CA TYR A 177 -9.45 -18.35 -13.08
C TYR A 177 -10.64 -18.13 -12.16
N ARG A 178 -10.50 -17.14 -11.31
CA ARG A 178 -11.60 -16.57 -10.58
C ARG A 178 -11.90 -15.18 -11.13
N PRO A 179 -13.16 -14.79 -11.22
CA PRO A 179 -13.47 -13.42 -11.64
C PRO A 179 -13.05 -12.43 -10.58
N MET A 180 -12.52 -11.29 -11.02
CA MET A 180 -12.18 -10.22 -10.08
C MET A 180 -13.33 -9.90 -9.13
N SER A 181 -14.58 -10.08 -9.57
CA SER A 181 -15.72 -9.79 -8.70
C SER A 181 -15.71 -10.65 -7.43
N ASP A 182 -15.03 -11.80 -7.43
CA ASP A 182 -14.92 -12.62 -6.22
C ASP A 182 -14.21 -11.89 -5.08
N MET A 183 -13.41 -10.87 -5.38
CA MET A 183 -12.76 -10.10 -4.32
C MET A 183 -13.72 -9.20 -3.55
N GLY A 184 -14.94 -9.02 -4.04
CA GLY A 184 -15.87 -8.06 -3.46
C GLY A 184 -16.33 -8.38 -2.05
N LEU B 2 -15.88 13.31 21.36
CA LEU B 2 -15.84 12.88 19.96
C LEU B 2 -15.62 11.37 19.82
N PRO B 3 -16.45 10.71 19.02
CA PRO B 3 -16.19 9.29 18.73
C PRO B 3 -14.78 9.12 18.17
N MET B 4 -14.08 8.10 18.69
CA MET B 4 -12.68 7.91 18.34
C MET B 4 -12.44 7.82 16.82
N PRO B 5 -13.34 7.26 16.01
CA PRO B 5 -13.09 7.27 14.55
C PRO B 5 -13.02 8.66 13.98
N MET B 6 -13.70 9.64 14.58
CA MET B 6 -13.69 10.98 14.01
C MET B 6 -12.35 11.67 14.27
N ARG B 7 -11.88 11.63 15.52
CA ARG B 7 -10.57 12.22 15.75
C ARG B 7 -9.44 11.39 15.15
N PHE B 8 -9.68 10.12 14.84
CA PHE B 8 -8.71 9.32 14.10
C PHE B 8 -8.58 9.77 12.64
N ARG B 9 -9.70 10.05 11.95
CA ARG B 9 -9.61 10.61 10.60
C ARG B 9 -8.92 11.96 10.61
N HIS B 10 -9.30 12.81 11.56
CA HIS B 10 -8.62 14.09 11.73
C HIS B 10 -7.12 13.90 11.85
N LEU B 11 -6.70 12.91 12.64
CA LEU B 11 -5.28 12.57 12.74
C LEU B 11 -4.69 12.29 11.37
N LYS B 12 -5.34 11.45 10.61
CA LYS B 12 -4.78 11.06 9.36
C LYS B 12 -4.73 12.23 8.40
N LYS B 13 -5.63 13.17 8.55
CA LYS B 13 -5.67 14.30 7.65
C LYS B 13 -4.69 15.37 8.04
N THR B 14 -4.23 15.36 9.27
CA THR B 14 -3.43 16.46 9.78
C THR B 14 -2.00 16.16 10.22
N SER B 15 -1.64 14.91 10.36
CA SER B 15 -0.36 14.59 10.95
C SER B 15 0.79 15.06 10.08
N LYS B 16 0.66 14.90 8.77
CA LYS B 16 1.76 15.25 7.88
C LYS B 16 2.13 16.73 7.97
N GLU B 17 1.15 17.60 8.26
CA GLU B 17 1.38 19.03 8.39
C GLU B 17 1.93 19.43 9.76
N ALA B 18 1.71 18.62 10.80
CA ALA B 18 2.06 19.02 12.16
C ALA B 18 3.38 18.43 12.65
N VAL B 19 3.95 17.46 11.94
CA VAL B 19 5.19 16.80 12.32
C VAL B 19 6.07 16.67 11.09
N GLY B 20 7.36 16.47 11.32
CA GLY B 20 8.32 16.31 10.24
C GLY B 20 9.53 15.56 10.72
N VAL B 21 10.20 14.90 9.78
CA VAL B 21 11.39 14.11 10.07
C VAL B 21 12.63 14.98 9.88
N TYR B 22 13.54 14.93 10.84
CA TYR B 22 14.73 15.76 10.81
C TYR B 22 15.87 15.07 11.54
N ARG B 23 17.04 15.70 11.51
CA ARG B 23 18.17 15.28 12.32
C ARG B 23 17.84 15.41 13.80
N SER B 24 18.37 14.48 14.61
CA SER B 24 18.09 14.54 16.04
C SER B 24 19.38 14.55 16.85
N PRO B 25 19.42 15.34 17.92
CA PRO B 25 20.55 15.24 18.86
C PRO B 25 20.53 13.96 19.67
N ILE B 26 19.35 13.36 19.87
CA ILE B 26 19.27 12.11 20.61
C ILE B 26 19.96 11.00 19.84
N HIS B 27 19.57 10.80 18.58
CA HIS B 27 20.12 9.76 17.72
C HIS B 27 19.62 9.94 16.29
N GLY B 28 20.56 10.13 15.36
CA GLY B 28 20.26 10.13 13.93
C GLY B 28 19.07 10.99 13.53
N ARG B 29 18.00 10.36 13.05
CA ARG B 29 16.78 11.05 12.66
C ARG B 29 15.70 10.88 13.73
N GLY B 30 14.89 11.92 13.91
CA GLY B 30 13.76 11.87 14.82
C GLY B 30 12.56 12.58 14.22
N LEU B 31 11.44 12.51 14.94
CA LEU B 31 10.23 13.22 14.54
C LEU B 31 10.13 14.51 15.35
N PHE B 32 9.87 15.62 14.67
CA PHE B 32 9.87 16.92 15.32
C PHE B 32 8.53 17.61 15.16
N CYS B 33 8.18 18.39 16.17
CA CYS B 33 6.93 19.14 16.20
C CYS B 33 7.06 20.40 15.32
N LYS B 34 6.15 20.53 14.35
CA LYS B 34 6.16 21.66 13.42
C LYS B 34 5.13 22.73 13.76
N ARG B 35 4.15 22.42 14.60
CA ARG B 35 3.17 23.38 15.10
C ARG B 35 2.81 22.95 16.50
N ASN B 36 2.37 23.91 17.32
CA ASN B 36 2.00 23.58 18.69
C ASN B 36 0.95 22.47 18.71
N ILE B 37 1.14 21.50 19.60
CA ILE B 37 0.20 20.42 19.80
C ILE B 37 -0.24 20.46 21.25
N ASP B 38 -1.56 20.49 21.47
CA ASP B 38 -2.08 20.58 22.82
C ASP B 38 -2.14 19.20 23.48
N ALA B 39 -2.20 19.22 24.82
CA ALA B 39 -2.16 18.00 25.62
C ALA B 39 -3.32 17.07 25.28
N GLY B 40 -3.04 15.76 25.26
CA GLY B 40 -4.04 14.76 24.97
C GLY B 40 -4.41 14.60 23.50
N GLU B 41 -3.96 15.48 22.61
CA GLU B 41 -4.27 15.35 21.20
C GLU B 41 -3.49 14.18 20.58
N MET B 42 -4.09 13.56 19.56
CA MET B 42 -3.36 12.56 18.80
C MET B 42 -2.29 13.22 17.94
N VAL B 43 -1.08 12.68 17.99
CA VAL B 43 0.03 13.22 17.21
C VAL B 43 0.19 12.47 15.88
N ILE B 44 0.33 11.14 15.95
CA ILE B 44 0.58 10.34 14.75
C ILE B 44 0.34 8.87 15.07
N GLU B 45 -0.05 8.07 14.07
CA GLU B 45 -0.21 6.63 14.25
C GLU B 45 1.12 5.93 14.01
N TYR B 46 1.42 4.94 14.85
CA TYR B 46 2.53 4.04 14.55
C TYR B 46 2.01 2.97 13.59
N ALA B 47 2.05 3.32 12.31
CA ALA B 47 1.47 2.51 11.24
C ALA B 47 2.46 1.46 10.72
N GLY B 48 1.92 0.38 10.16
CA GLY B 48 2.74 -0.71 9.67
C GLY B 48 1.90 -1.88 9.20
N ILE B 49 2.55 -3.04 9.04
CA ILE B 49 1.85 -4.30 8.74
C ILE B 49 1.46 -4.96 10.06
N VAL B 50 0.16 -5.18 10.25
CA VAL B 50 -0.33 -5.86 11.45
C VAL B 50 -0.14 -7.36 11.26
N ILE B 51 0.58 -7.99 12.18
CA ILE B 51 0.87 -9.42 12.10
C ILE B 51 0.50 -10.08 13.42
N ARG B 52 0.16 -11.36 13.35
CA ARG B 52 -0.02 -12.12 14.57
C ARG B 52 1.28 -12.21 15.34
N SER B 53 1.18 -12.26 16.66
CA SER B 53 2.36 -12.24 17.51
C SER B 53 3.31 -13.40 17.18
N ILE B 54 2.77 -14.59 16.87
CA ILE B 54 3.61 -15.76 16.64
C ILE B 54 4.57 -15.55 15.46
N LEU B 55 4.23 -14.66 14.50
CA LEU B 55 5.16 -14.38 13.41
C LEU B 55 6.31 -13.46 13.80
N THR B 56 6.33 -12.93 15.02
CA THR B 56 7.32 -11.91 15.38
C THR B 56 8.74 -12.46 15.27
N ASP B 57 9.00 -13.57 15.97
CA ASP B 57 10.36 -14.11 16.03
C ASP B 57 10.89 -14.49 14.65
N LYS B 58 10.05 -15.08 13.80
CA LYS B 58 10.52 -15.43 12.46
C LYS B 58 10.94 -14.18 11.69
N ARG B 59 10.13 -13.12 11.75
CA ARG B 59 10.49 -11.90 11.05
C ARG B 59 11.74 -11.24 11.63
N GLU B 60 11.93 -11.32 12.95
CA GLU B 60 13.09 -10.68 13.57
C GLU B 60 14.39 -11.27 13.04
N LYS B 61 14.51 -12.61 13.06
CA LYS B 61 15.71 -13.26 12.55
C LYS B 61 15.87 -13.06 11.05
N TYR B 62 14.77 -12.95 10.30
CA TYR B 62 14.86 -12.59 8.89
C TYR B 62 15.48 -11.20 8.72
N TYR B 63 15.11 -10.27 9.59
CA TYR B 63 15.60 -8.90 9.46
C TYR B 63 17.06 -8.79 9.85
N ASP B 64 17.48 -9.54 10.88
CA ASP B 64 18.90 -9.62 11.22
C ASP B 64 19.71 -10.36 10.15
N SER B 65 19.07 -11.23 9.38
CA SER B 65 19.71 -11.83 8.21
C SER B 65 19.82 -10.85 7.04
N LYS B 66 19.21 -9.67 7.16
CA LYS B 66 19.44 -8.58 6.23
C LYS B 66 20.25 -7.44 6.83
N GLY B 67 20.45 -7.45 8.15
CA GLY B 67 21.32 -6.49 8.80
C GLY B 67 20.63 -5.32 9.47
N ILE B 68 19.30 -5.26 9.46
CA ILE B 68 18.59 -4.13 10.05
C ILE B 68 18.81 -4.14 11.56
N GLY B 69 19.45 -3.09 12.08
CA GLY B 69 19.86 -3.07 13.46
C GLY B 69 18.86 -2.52 14.45
N SER B 70 17.82 -1.85 13.98
CA SER B 70 16.80 -1.28 14.85
C SER B 70 15.54 -2.14 14.81
N SER B 71 14.75 -2.06 15.88
CA SER B 71 13.50 -2.81 15.99
C SER B 71 12.35 -1.87 15.66
N TYR B 72 11.67 -2.14 14.55
CA TYR B 72 10.52 -1.35 14.14
C TYR B 72 9.20 -2.05 14.45
N MET B 73 9.22 -3.06 15.29
CA MET B 73 8.01 -3.78 15.65
C MET B 73 7.47 -3.22 16.96
N PHE B 74 6.16 -3.01 16.99
CA PHE B 74 5.49 -2.36 18.10
C PHE B 74 4.33 -3.23 18.51
N ARG B 75 4.39 -3.78 19.72
CA ARG B 75 3.38 -4.72 20.17
C ARG B 75 2.08 -4.00 20.50
N ILE B 76 0.97 -4.50 19.94
CA ILE B 76 -0.35 -4.01 20.30
C ILE B 76 -0.83 -4.66 21.60
N ASP B 77 -0.90 -5.98 21.61
CA ASP B 77 -1.31 -6.74 22.79
C ASP B 77 -0.67 -8.12 22.72
N ASP B 78 -1.21 -9.07 23.48
CA ASP B 78 -0.65 -10.42 23.45
C ASP B 78 -0.82 -11.10 22.10
N SER B 79 -1.80 -10.70 21.29
CA SER B 79 -2.06 -11.42 20.06
C SER B 79 -1.55 -10.77 18.78
N GLU B 80 -1.19 -9.47 18.79
CA GLU B 80 -0.87 -8.78 17.55
C GLU B 80 0.30 -7.80 17.73
N VAL B 81 0.97 -7.51 16.62
CA VAL B 81 2.13 -6.63 16.57
C VAL B 81 2.04 -5.82 15.28
N VAL B 82 2.43 -4.55 15.35
CA VAL B 82 2.59 -3.71 14.16
C VAL B 82 4.04 -3.79 13.72
N ASP B 83 4.26 -4.20 12.47
CA ASP B 83 5.58 -4.35 11.88
C ASP B 83 5.81 -3.21 10.91
N ALA B 84 6.65 -2.25 11.31
CA ALA B 84 6.97 -1.08 10.49
C ALA B 84 8.36 -1.16 9.87
N THR B 85 8.94 -2.36 9.79
CA THR B 85 10.30 -2.51 9.30
C THR B 85 10.41 -2.17 7.82
N MET B 86 9.45 -2.60 7.02
CA MET B 86 9.48 -2.36 5.59
C MET B 86 8.36 -1.48 5.09
N HIS B 87 7.27 -1.42 5.80
CA HIS B 87 6.18 -0.55 5.45
C HIS B 87 5.75 0.18 6.68
N GLY B 88 5.73 1.50 6.62
CA GLY B 88 5.34 2.31 7.76
C GLY B 88 5.39 3.78 7.46
N ASN B 89 5.21 4.60 8.48
CA ASN B 89 5.16 6.03 8.31
C ASN B 89 6.19 6.75 9.15
N ALA B 90 6.05 8.06 9.31
CA ALA B 90 7.08 8.82 10.00
C ALA B 90 7.19 8.46 11.48
N ALA B 91 6.18 7.79 12.05
CA ALA B 91 6.27 7.37 13.45
C ALA B 91 7.44 6.44 13.70
N ARG B 92 7.92 5.75 12.65
CA ARG B 92 9.14 4.94 12.75
C ARG B 92 10.29 5.70 13.41
N PHE B 93 10.41 6.99 13.14
CA PHE B 93 11.59 7.77 13.53
C PHE B 93 11.45 8.43 14.89
N ILE B 94 10.40 8.15 15.66
CA ILE B 94 10.26 8.76 16.97
C ILE B 94 11.22 8.08 17.93
N ASN B 95 12.12 8.86 18.52
CA ASN B 95 13.12 8.34 19.44
C ASN B 95 12.51 8.10 20.81
N HIS B 96 13.25 7.34 21.64
CA HIS B 96 12.92 7.10 23.03
C HIS B 96 13.47 8.22 23.91
N SER B 97 12.70 8.56 24.96
CA SER B 97 13.21 9.42 26.02
C SER B 97 12.72 8.90 27.36
N CYS B 98 13.52 9.15 28.41
CA CYS B 98 13.15 8.79 29.77
C CYS B 98 12.22 9.82 30.41
N GLU B 99 12.24 11.06 29.91
CA GLU B 99 11.27 12.09 30.29
C GLU B 99 10.52 12.50 29.02
N PRO B 100 9.74 11.60 28.42
CA PRO B 100 9.14 11.88 27.12
C PRO B 100 8.02 12.90 27.23
N ASN B 101 7.68 13.50 26.09
CA ASN B 101 6.51 14.37 26.01
C ASN B 101 5.29 13.72 25.34
N CYS B 102 5.39 12.47 24.86
CA CYS B 102 4.30 11.73 24.25
C CYS B 102 4.18 10.33 24.86
N TYR B 103 3.02 9.71 24.69
CA TYR B 103 2.80 8.34 25.09
C TYR B 103 2.01 7.57 24.06
N SER B 104 2.15 6.25 24.08
CA SER B 104 1.47 5.37 23.16
C SER B 104 0.23 4.80 23.77
N ARG B 105 -0.77 4.47 22.96
CA ARG B 105 -2.01 3.95 23.43
C ARG B 105 -2.74 3.21 22.35
N VAL B 106 -3.32 2.07 22.66
CA VAL B 106 -4.04 1.26 21.68
C VAL B 106 -5.49 1.69 21.64
N ILE B 107 -6.01 1.95 20.44
CA ILE B 107 -7.42 2.30 20.23
C ILE B 107 -8.05 1.26 19.31
N ASN B 108 -9.35 1.05 19.51
CA ASN B 108 -10.13 0.09 18.74
C ASN B 108 -11.03 0.84 17.76
N ILE B 109 -10.85 0.60 16.46
CA ILE B 109 -11.57 1.32 15.41
C ILE B 109 -12.15 0.29 14.44
N ASP B 110 -13.47 0.06 14.52
CA ASP B 110 -14.17 -0.82 13.57
C ASP B 110 -13.62 -2.25 13.68
N GLY B 111 -13.42 -2.70 14.91
CA GLY B 111 -12.88 -4.05 15.11
C GLY B 111 -11.42 -4.22 14.77
N GLN B 112 -10.66 -3.14 14.62
CA GLN B 112 -9.22 -3.22 14.38
C GLN B 112 -8.51 -2.31 15.37
N LYS B 113 -7.32 -2.73 15.79
CA LYS B 113 -6.57 -1.98 16.77
C LYS B 113 -5.50 -1.16 16.07
N HIS B 114 -5.28 0.06 16.56
CA HIS B 114 -4.25 0.98 16.09
C HIS B 114 -3.42 1.44 17.26
N ILE B 115 -2.11 1.55 17.04
CA ILE B 115 -1.23 2.17 18.03
C ILE B 115 -1.14 3.66 17.70
N VAL B 116 -1.56 4.51 18.62
CA VAL B 116 -1.57 5.94 18.40
C VAL B 116 -0.70 6.61 19.45
N ILE B 117 0.06 7.63 19.03
CA ILE B 117 0.93 8.39 19.93
C ILE B 117 0.19 9.68 20.30
N PHE B 118 0.04 9.94 21.60
CA PHE B 118 -0.68 11.09 22.13
C PHE B 118 0.27 12.05 22.82
N ALA B 119 -0.08 13.34 22.79
CA ALA B 119 0.74 14.35 23.47
C ALA B 119 0.46 14.29 24.96
N MET B 120 1.51 14.10 25.75
CA MET B 120 1.35 14.00 27.20
C MET B 120 1.10 15.37 27.81
N ARG B 121 1.62 16.42 27.16
CA ARG B 121 1.48 17.80 27.58
C ARG B 121 1.36 18.64 26.33
N LYS B 122 1.24 19.96 26.52
CA LYS B 122 1.35 20.87 25.39
C LYS B 122 2.77 20.78 24.85
N ILE B 123 2.89 20.62 23.53
CA ILE B 123 4.18 20.49 22.86
C ILE B 123 4.31 21.66 21.90
N TYR B 124 5.47 22.32 21.93
CA TYR B 124 5.69 23.54 21.17
C TYR B 124 6.54 23.27 19.93
N ARG B 125 6.37 24.13 18.93
CA ARG B 125 7.11 23.99 17.67
C ARG B 125 8.61 23.91 17.93
N GLY B 126 9.28 23.03 17.17
CA GLY B 126 10.69 22.78 17.34
C GLY B 126 11.04 21.65 18.30
N GLU B 127 10.18 21.32 19.26
CA GLU B 127 10.45 20.19 20.14
C GLU B 127 10.55 18.90 19.33
N GLU B 128 11.48 18.04 19.72
CA GLU B 128 11.50 16.67 19.24
C GLU B 128 10.44 15.86 19.99
N LEU B 129 9.68 15.08 19.24
CA LEU B 129 8.67 14.17 19.81
C LEU B 129 9.33 12.89 20.30
N THR B 130 8.98 12.47 21.52
CA THR B 130 9.54 11.25 22.10
C THR B 130 8.48 10.53 22.91
N TYR B 131 8.64 9.20 23.04
CA TYR B 131 7.85 8.42 23.98
C TYR B 131 8.73 7.34 24.59
N ASP B 132 8.26 6.74 25.68
CA ASP B 132 8.96 5.64 26.33
C ASP B 132 8.74 4.38 25.51
N TYR B 133 9.80 3.84 24.91
CA TYR B 133 9.66 2.58 24.17
C TYR B 133 9.15 1.46 25.04
N LYS B 134 9.51 1.48 26.33
CA LYS B 134 9.18 0.40 27.27
C LYS B 134 9.73 -0.93 26.77
N PHE B 135 10.97 -0.92 26.30
CA PHE B 135 11.61 -2.16 25.89
C PHE B 135 11.70 -3.10 27.10
N PRO B 136 11.48 -4.39 26.90
CA PRO B 136 11.75 -5.34 27.98
C PRO B 136 13.22 -5.31 28.34
N ILE B 137 13.49 -5.47 29.63
CA ILE B 137 14.84 -5.30 30.17
C ILE B 137 15.68 -6.52 29.81
N GLU B 138 16.73 -6.32 29.01
CA GLU B 138 17.56 -7.45 28.58
C GLU B 138 18.81 -7.55 29.44
N ASP B 139 19.56 -8.64 29.24
CA ASP B 139 20.77 -8.84 30.02
C ASP B 139 21.90 -7.97 29.50
N ALA B 140 22.87 -7.68 30.38
CA ALA B 140 23.85 -6.63 30.12
C ALA B 140 24.75 -6.91 28.93
N SER B 141 24.64 -8.08 28.30
CA SER B 141 25.36 -8.30 27.04
C SER B 141 24.72 -7.50 25.91
N ASN B 142 23.43 -7.20 26.00
CA ASN B 142 22.70 -6.44 24.99
C ASN B 142 21.96 -5.27 25.60
N LYS B 143 22.61 -4.54 26.50
CA LYS B 143 22.08 -3.25 26.95
C LYS B 143 22.34 -2.21 25.88
N LEU B 144 21.33 -1.39 25.59
CA LEU B 144 21.51 -0.29 24.65
C LEU B 144 21.48 1.03 25.40
N PRO B 145 22.55 1.83 25.33
CA PRO B 145 22.63 3.02 26.19
C PRO B 145 21.76 4.14 25.66
N CYS B 146 21.10 4.83 26.60
CA CYS B 146 20.19 5.91 26.25
C CYS B 146 20.93 7.23 26.13
N ASN B 147 20.69 7.94 25.02
CA ASN B 147 21.22 9.28 24.79
C ASN B 147 20.09 10.32 24.75
N CYS B 148 19.05 10.14 25.57
CA CYS B 148 17.88 11.02 25.47
C CYS B 148 18.16 12.41 26.05
N GLY B 149 19.15 12.51 26.93
CA GLY B 149 19.52 13.79 27.51
C GLY B 149 18.69 14.24 28.69
N ALA B 150 17.67 13.47 29.08
CA ALA B 150 16.88 13.86 30.23
C ALA B 150 17.74 13.84 31.50
N LYS B 151 17.39 14.70 32.45
CA LYS B 151 18.04 14.67 33.76
C LYS B 151 17.70 13.43 34.56
N LYS B 152 16.58 12.78 34.22
CA LYS B 152 16.15 11.56 34.88
C LYS B 152 16.39 10.34 34.00
N CYS B 153 17.50 10.35 33.27
CA CYS B 153 17.76 9.32 32.28
C CYS B 153 18.18 8.01 32.96
N ARG B 154 17.57 6.92 32.55
CA ARG B 154 17.90 5.60 33.08
C ARG B 154 19.06 4.94 32.42
N LYS B 155 19.67 5.63 31.46
CA LYS B 155 20.93 5.29 30.80
C LYS B 155 20.95 4.14 29.79
N PHE B 156 19.96 3.26 29.81
CA PHE B 156 19.71 2.36 28.68
C PHE B 156 18.24 2.37 28.30
N LEU B 157 17.95 2.00 27.07
CA LEU B 157 16.60 1.61 26.71
C LEU B 157 16.16 0.31 27.36
N ASN B 158 17.12 -0.55 27.69
CA ASN B 158 16.85 -1.81 28.36
C ASN B 158 17.17 -1.64 29.82
N PHE C 7 12.24 1.73 3.76
CA PHE C 7 10.87 1.29 3.81
C PHE C 7 10.03 1.98 2.77
N LYS C 8 8.99 1.29 2.31
CA LYS C 8 7.84 1.86 1.61
C LYS C 8 6.86 2.60 2.53
N GLU C 9 6.57 3.84 2.24
CA GLU C 9 5.65 4.60 3.07
C GLU C 9 4.22 4.13 2.95
N LEU C 10 3.52 4.17 4.08
CA LEU C 10 2.16 3.73 4.22
C LEU C 10 1.38 4.78 4.97
N ASP C 11 0.09 4.89 4.72
CA ASP C 11 -0.72 5.84 5.44
C ASP C 11 -1.63 5.19 6.47
N GLU C 12 -2.08 3.98 6.18
CA GLU C 12 -2.93 3.24 7.09
C GLU C 12 -2.34 1.88 7.37
N ASN C 13 -2.75 1.27 8.46
CA ASN C 13 -2.37 -0.11 8.73
C ASN C 13 -2.90 -1.02 7.62
N VAL C 14 -2.09 -2.02 7.27
CA VAL C 14 -2.49 -3.12 6.39
C VAL C 14 -2.32 -4.40 7.18
N GLU C 15 -3.36 -5.26 7.15
CA GLU C 15 -3.28 -6.57 7.78
C GLU C 15 -2.52 -7.53 6.88
N TYR C 16 -1.51 -8.18 7.43
CA TYR C 16 -0.76 -9.17 6.68
C TYR C 16 -1.64 -10.36 6.35
N GLU C 17 -1.65 -10.79 5.09
CA GLU C 17 -2.43 -11.97 4.67
C GLU C 17 -1.50 -13.17 4.66
N GLU C 18 -1.58 -13.99 5.71
CA GLU C 18 -0.73 -15.16 5.79
C GLU C 18 -1.03 -16.12 4.66
N ARG C 19 0.01 -16.83 4.21
CA ARG C 19 -0.17 -17.86 3.21
C ARG C 19 -0.51 -19.19 3.90
N GLU C 20 -1.11 -20.10 3.14
CA GLU C 20 -1.41 -21.42 3.69
C GLU C 20 -0.15 -22.10 4.19
N SER C 21 0.97 -21.91 3.50
CA SER C 21 2.25 -22.51 3.90
C SER C 21 3.08 -21.61 4.83
N GLU C 22 2.46 -20.59 5.45
CA GLU C 22 3.20 -19.56 6.18
C GLU C 22 4.18 -20.14 7.20
N PHE C 23 3.83 -21.27 7.84
CA PHE C 23 4.65 -21.82 8.91
C PHE C 23 5.52 -22.99 8.48
N ASP C 24 5.52 -23.37 7.20
CA ASP C 24 6.14 -24.61 6.76
C ASP C 24 7.61 -24.43 6.41
N ILE C 25 8.38 -25.51 6.56
CA ILE C 25 9.79 -25.46 6.21
C ILE C 25 9.98 -25.21 4.72
N ALA D 1 11.37 -10.34 18.89
CA ALA D 1 10.83 -10.39 20.25
C ALA D 1 11.15 -9.12 21.05
N ARG D 2 12.10 -8.31 20.59
CA ARG D 2 12.30 -6.97 21.16
C ARG D 2 11.37 -6.02 20.41
N THR D 3 10.27 -5.66 21.05
CA THR D 3 9.29 -4.77 20.45
C THR D 3 9.00 -3.64 21.44
N LYS D 4 8.57 -2.50 20.90
CA LYS D 4 8.04 -1.45 21.74
C LYS D 4 6.72 -1.91 22.35
N GLN D 5 6.38 -1.34 23.50
CA GLN D 5 5.13 -1.68 24.19
C GLN D 5 4.50 -0.42 24.75
N THR D 6 3.20 -0.50 25.01
CA THR D 6 2.48 0.56 25.69
C THR D 6 2.43 0.39 27.20
N ALA D 7 2.82 -0.78 27.70
CA ALA D 7 2.91 -1.03 29.13
C ALA D 7 3.76 -2.28 29.35
N ARG D 8 4.43 -2.34 30.50
CA ARG D 8 5.26 -3.51 30.82
C ARG D 8 4.45 -4.60 31.55
N SAH E . 16.67 7.52 15.59
CA SAH E . 16.38 6.57 14.53
CB SAH E . 14.87 6.40 14.43
CG SAH E . 14.26 5.69 15.62
SD SAH E . 14.12 3.92 15.29
C SAH E . 16.97 7.02 13.21
O SAH E . 17.89 7.83 13.20
OXT SAH E . 16.55 6.59 12.13
C5' SAH E . 14.73 3.51 16.95
C4' SAH E . 16.25 3.39 16.97
O4' SAH E . 16.79 4.66 17.27
C3' SAH E . 16.71 2.41 18.04
O3' SAH E . 17.15 1.21 17.44
C2' SAH E . 17.84 3.13 18.76
O2' SAH E . 19.11 2.65 18.40
C1' SAH E . 17.76 4.56 18.31
N9 SAH E . 17.31 5.32 19.48
C8 SAH E . 16.02 5.61 19.81
N7 SAH E . 16.01 6.29 20.97
C5 SAH E . 17.29 6.43 21.41
C6 SAH E . 17.83 7.04 22.53
N6 SAH E . 17.07 7.64 23.43
N1 SAH E . 19.21 7.02 22.71
C2 SAH E . 20.01 6.40 21.77
N3 SAH E . 19.46 5.80 20.67
C4 SAH E . 18.12 5.82 20.48
ZN ZN F . 17.32 8.22 28.66
#